data_4DGN
#
_entry.id   4DGN
#
_cell.length_a   142.863
_cell.length_b   59.366
_cell.length_c   45.485
_cell.angle_alpha   90.000
_cell.angle_beta   103.470
_cell.angle_gamma   90.000
#
_symmetry.space_group_name_H-M   'C 1 2 1'
#
loop_
_entity.id
_entity.type
_entity.pdbx_description
1 polymer 'Casein kinase II subunit alpha'
2 non-polymer 2-(3,4-dihydroxyphenyl)-5,7-dihydroxy-4H-chromen-4-one
3 water water
#
_entity_poly.entity_id   1
_entity_poly.type   'polypeptide(L)'
_entity_poly.pdbx_seq_one_letter_code
;SKARVYADVNVLRPKEYWDYEALTVQWGEQDDYEVVRKVGRGKYSEVFEGINVNNNEKCIIKILKPVKKKKIKREIKILQ
NL(CSO)GGPNIVKLLDIVRDQHSKTPSLIFEYVNNTDFKVLYPTLTDYDIRYYIYELLKALDYCHSQGIMHRDVKPHNV
MIDHELRKLRLIDWGLAEFYHPGKEYNVRVASRYFKGPELLVDLQDYDYSLDMWSLGCMFAGMIFRKEPFFYGHDNHDQL
VKIAKVLGTDGLNVYLNKYRIELDPQLEALVGRHSRKPWLKFMNADNQHLVSPEAIDFLDKLLRYDHQERLTALEAMTHP
YFQQVRAAEN
;
_entity_poly.pdbx_strand_id   A
#
# COMPACT_ATOMS: atom_id res chain seq x y z
N SER A 1 20.82 -3.04 -6.41
CA SER A 1 19.79 -3.62 -5.50
C SER A 1 18.69 -4.34 -6.29
N LYS A 2 18.16 -5.40 -5.67
CA LYS A 2 17.21 -6.24 -6.37
C LYS A 2 16.34 -6.89 -5.34
N ALA A 3 15.08 -7.21 -5.70
CA ALA A 3 14.17 -7.97 -4.79
C ALA A 3 14.78 -9.32 -4.36
N ARG A 4 14.58 -9.69 -3.11
CA ARG A 4 15.06 -10.98 -2.63
C ARG A 4 14.11 -12.12 -3.01
N VAL A 5 12.88 -11.78 -3.36
CA VAL A 5 11.81 -12.77 -3.72
C VAL A 5 11.09 -12.23 -4.98
N TYR A 6 10.62 -13.16 -5.84
CA TYR A 6 9.78 -12.86 -7.01
C TYR A 6 10.44 -11.87 -7.96
N ALA A 7 11.77 -11.97 -8.06
CA ALA A 7 12.50 -11.05 -8.95
C ALA A 7 12.36 -11.40 -10.44
N ASP A 8 12.15 -12.67 -10.71
CA ASP A 8 12.01 -13.14 -12.08
C ASP A 8 10.57 -13.23 -12.61
N VAL A 9 9.58 -12.76 -11.85
CA VAL A 9 8.20 -13.02 -12.26
C VAL A 9 7.92 -12.47 -13.67
N ASN A 10 8.22 -11.20 -13.87
CA ASN A 10 8.00 -10.56 -15.17
C ASN A 10 8.98 -10.98 -16.25
N VAL A 11 10.17 -11.46 -15.85
CA VAL A 11 11.11 -12.11 -16.76
C VAL A 11 10.55 -13.37 -17.43
N LEU A 12 9.88 -14.22 -16.66
CA LEU A 12 9.38 -15.52 -17.14
C LEU A 12 8.05 -15.47 -17.84
N ARG A 13 7.28 -14.42 -17.61
CA ARG A 13 5.96 -14.36 -18.19
C ARG A 13 6.02 -13.76 -19.61
N PRO A 14 5.04 -14.10 -20.46
CA PRO A 14 5.02 -13.46 -21.80
C PRO A 14 4.92 -11.93 -21.69
N LYS A 15 5.39 -11.22 -22.71
CA LYS A 15 5.44 -9.76 -22.69
C LYS A 15 4.04 -9.17 -22.51
N GLU A 16 3.04 -9.87 -23.05
CA GLU A 16 1.62 -9.48 -22.94
C GLU A 16 1.22 -9.22 -21.49
N TYR A 17 1.87 -9.90 -20.57
CA TYR A 17 1.56 -9.76 -19.16
C TYR A 17 1.92 -8.39 -18.56
N TRP A 18 3.12 -7.88 -18.83
CA TRP A 18 3.62 -6.65 -18.20
C TRP A 18 3.70 -5.47 -19.13
N ASP A 19 3.63 -5.73 -20.43
CA ASP A 19 3.66 -4.63 -21.39
C ASP A 19 2.28 -3.96 -21.48
N TYR A 20 1.96 -3.17 -20.46
CA TYR A 20 0.65 -2.50 -20.35
C TYR A 20 0.39 -1.44 -21.43
N GLU A 21 1.44 -0.96 -22.08
CA GLU A 21 1.24 0.06 -23.12
C GLU A 21 0.63 -0.52 -24.38
N ALA A 22 0.82 -1.82 -24.59
CA ALA A 22 0.25 -2.50 -25.75
C ALA A 22 -1.20 -2.95 -25.54
N LEU A 23 -1.76 -2.68 -24.37
CA LEU A 23 -3.16 -3.05 -24.08
C LEU A 23 -4.15 -2.24 -24.92
N THR A 24 -5.10 -2.92 -25.54
CA THR A 24 -6.26 -2.23 -26.13
C THR A 24 -7.50 -2.58 -25.32
N VAL A 25 -8.12 -1.56 -24.73
CA VAL A 25 -9.18 -1.71 -23.75
C VAL A 25 -10.51 -2.12 -24.40
N GLN A 26 -11.21 -3.08 -23.80
CA GLN A 26 -12.56 -3.43 -24.29
C GLN A 26 -13.60 -2.63 -23.50
N TRP A 27 -14.22 -1.64 -24.13
CA TRP A 27 -15.12 -0.75 -23.39
C TRP A 27 -16.48 -1.37 -23.24
N GLY A 28 -16.97 -1.42 -22.00
CA GLY A 28 -18.34 -1.84 -21.70
C GLY A 28 -19.38 -0.77 -22.00
N GLU A 29 -20.58 -0.94 -21.46
CA GLU A 29 -21.67 0.00 -21.66
C GLU A 29 -21.81 0.97 -20.49
N GLN A 30 -21.58 2.26 -20.76
CA GLN A 30 -21.64 3.32 -19.73
C GLN A 30 -22.97 3.29 -18.96
N ASP A 31 -24.06 3.05 -19.69
CA ASP A 31 -25.43 3.04 -19.16
C ASP A 31 -25.78 1.84 -18.30
N ASP A 32 -24.87 0.88 -18.18
CA ASP A 32 -25.10 -0.23 -17.28
C ASP A 32 -24.98 0.18 -15.81
N TYR A 33 -24.36 1.34 -15.56
CA TYR A 33 -23.91 1.69 -14.19
C TYR A 33 -24.36 3.08 -13.81
N GLU A 34 -25.15 3.20 -12.76
CA GLU A 34 -25.63 4.53 -12.36
C GLU A 34 -25.08 4.95 -11.02
N VAL A 35 -24.66 6.21 -10.94
CA VAL A 35 -24.15 6.77 -9.70
C VAL A 35 -25.28 6.94 -8.66
N VAL A 36 -25.05 6.40 -7.46
CA VAL A 36 -26.00 6.46 -6.36
C VAL A 36 -25.58 7.50 -5.32
N ARG A 37 -24.30 7.55 -4.98
CA ARG A 37 -23.77 8.51 -3.99
C ARG A 37 -22.26 8.53 -3.99
N LYS A 38 -21.70 9.73 -3.91
CA LYS A 38 -20.25 9.90 -3.81
C LYS A 38 -19.76 9.35 -2.48
N VAL A 39 -18.64 8.65 -2.50
CA VAL A 39 -18.10 8.09 -1.28
C VAL A 39 -16.66 8.56 -1.04
N GLY A 40 -15.99 9.00 -2.11
CA GLY A 40 -14.56 9.29 -2.04
C GLY A 40 -14.00 10.11 -3.18
N ARG A 41 -12.79 10.64 -2.97
CA ARG A 41 -12.12 11.47 -3.96
C ARG A 41 -10.64 11.54 -3.67
N GLY A 42 -9.87 11.83 -4.70
CA GLY A 42 -8.44 12.01 -4.53
C GLY A 42 -7.93 12.77 -5.72
N LYS A 43 -6.60 12.80 -5.83
CA LYS A 43 -5.98 13.61 -6.85
C LYS A 43 -6.32 13.09 -8.23
N TYR A 44 -6.55 11.78 -8.34
CA TYR A 44 -6.67 11.14 -9.65
C TYR A 44 -8.06 10.60 -9.97
N SER A 45 -8.97 10.64 -9.01
CA SER A 45 -10.29 10.07 -9.22
C SER A 45 -11.34 10.59 -8.26
N GLU A 46 -12.58 10.35 -8.66
CA GLU A 46 -13.71 10.46 -7.78
C GLU A 46 -14.42 9.10 -7.76
N VAL A 47 -14.91 8.72 -6.60
CA VAL A 47 -15.45 7.38 -6.38
C VAL A 47 -16.87 7.44 -5.84
N PHE A 48 -17.71 6.60 -6.44
CA PHE A 48 -19.14 6.62 -6.15
C PHE A 48 -19.62 5.20 -5.89
N GLU A 49 -20.52 5.07 -4.92
CA GLU A 49 -21.35 3.88 -4.84
C GLU A 49 -22.29 4.00 -6.03
N GLY A 50 -22.40 2.90 -6.78
CA GLY A 50 -23.25 2.83 -7.96
C GLY A 50 -24.14 1.60 -7.94
N ILE A 51 -24.93 1.47 -9.00
CA ILE A 51 -25.82 0.34 -9.18
C ILE A 51 -25.64 -0.18 -10.59
N ASN A 52 -25.44 -1.48 -10.74
CA ASN A 52 -25.50 -2.14 -12.03
C ASN A 52 -26.97 -2.34 -12.36
N VAL A 53 -27.45 -1.64 -13.38
CA VAL A 53 -28.89 -1.61 -13.67
C VAL A 53 -29.46 -2.91 -14.26
N ASN A 54 -28.59 -3.81 -14.71
CA ASN A 54 -29.01 -5.14 -15.20
C ASN A 54 -29.42 -6.06 -14.05
N ASN A 55 -28.56 -6.17 -13.04
CA ASN A 55 -28.79 -7.10 -11.94
C ASN A 55 -29.12 -6.44 -10.59
N ASN A 56 -29.28 -5.12 -10.58
CA ASN A 56 -29.55 -4.34 -9.37
C ASN A 56 -28.58 -4.56 -8.20
N GLU A 57 -27.35 -4.99 -8.52
CA GLU A 57 -26.31 -5.19 -7.53
C GLU A 57 -25.50 -3.91 -7.37
N LYS A 58 -25.02 -3.65 -6.16
CA LYS A 58 -24.13 -2.50 -5.90
C LYS A 58 -22.79 -2.66 -6.60
N CYS A 59 -22.18 -1.52 -6.90
CA CYS A 59 -20.86 -1.50 -7.48
C CYS A 59 -20.18 -0.20 -7.08
N ILE A 60 -18.92 -0.06 -7.45
CA ILE A 60 -18.20 1.19 -7.24
C ILE A 60 -17.85 1.71 -8.59
N ILE A 61 -18.12 2.99 -8.81
CA ILE A 61 -17.78 3.65 -10.04
C ILE A 61 -16.66 4.62 -9.68
N LYS A 62 -15.50 4.41 -10.31
CA LYS A 62 -14.29 5.20 -10.04
C LYS A 62 -14.10 6.03 -11.29
N ILE A 63 -14.44 7.32 -11.22
CA ILE A 63 -14.36 8.19 -12.39
C ILE A 63 -12.98 8.83 -12.39
N LEU A 64 -12.26 8.62 -13.50
CA LEU A 64 -10.85 9.00 -13.53
C LEU A 64 -10.66 10.43 -14.01
N LYS A 65 -9.86 11.21 -13.29
CA LYS A 65 -9.59 12.59 -13.72
C LYS A 65 -8.59 12.55 -14.87
N PRO A 66 -8.50 13.65 -15.65
CA PRO A 66 -7.56 13.71 -16.77
C PRO A 66 -6.13 13.37 -16.40
N VAL A 67 -5.59 12.39 -17.11
CA VAL A 67 -4.23 11.93 -16.92
C VAL A 67 -3.76 11.26 -18.22
N LYS A 68 -2.45 11.03 -18.34
CA LYS A 68 -1.88 10.38 -19.54
C LYS A 68 -2.44 8.97 -19.72
N LYS A 69 -2.77 8.61 -20.96
CA LYS A 69 -3.34 7.28 -21.25
C LYS A 69 -2.46 6.11 -20.75
N LYS A 70 -1.15 6.30 -20.81
CA LYS A 70 -0.19 5.33 -20.24
C LYS A 70 -0.59 4.87 -18.84
N LYS A 71 -0.90 5.84 -17.96
CA LYS A 71 -1.23 5.56 -16.55
C LYS A 71 -2.56 4.81 -16.39
N ILE A 72 -3.54 5.13 -17.25
CA ILE A 72 -4.82 4.44 -17.26
C ILE A 72 -4.65 2.98 -17.66
N LYS A 73 -3.94 2.73 -18.75
CA LYS A 73 -3.70 1.36 -19.17
C LYS A 73 -2.87 0.56 -18.15
N ARG A 74 -1.93 1.22 -17.46
CA ARG A 74 -1.13 0.54 -16.41
C ARG A 74 -2.03 0.05 -15.30
N GLU A 75 -2.94 0.91 -14.83
CA GLU A 75 -3.85 0.54 -13.76
C GLU A 75 -4.82 -0.57 -14.21
N ILE A 76 -5.41 -0.43 -15.39
CA ILE A 76 -6.25 -1.49 -15.97
C ILE A 76 -5.51 -2.82 -16.12
N LYS A 77 -4.28 -2.80 -16.67
CA LYS A 77 -3.52 -4.05 -16.85
C LYS A 77 -3.24 -4.78 -15.53
N ILE A 78 -2.86 -4.01 -14.53
CA ILE A 78 -2.51 -4.56 -13.21
C ILE A 78 -3.78 -5.13 -12.54
N LEU A 79 -4.88 -4.40 -12.67
CA LEU A 79 -6.14 -4.89 -12.11
C LEU A 79 -6.57 -6.19 -12.78
N GLN A 80 -6.47 -6.25 -14.10
CA GLN A 80 -6.84 -7.49 -14.81
C GLN A 80 -5.94 -8.65 -14.40
N ASN A 81 -4.66 -8.35 -14.23
CA ASN A 81 -3.68 -9.39 -13.88
C ASN A 81 -3.94 -9.96 -12.49
N LEU A 82 -4.45 -9.13 -11.58
CA LEU A 82 -4.63 -9.52 -10.19
C LEU A 82 -6.07 -9.94 -9.80
N GLY A 84 -9.22 -11.58 -8.84
CA GLY A 84 -9.43 -12.94 -8.30
C GLY A 84 -8.45 -13.39 -7.23
N GLY A 85 -7.28 -12.73 -7.18
CA GLY A 85 -6.35 -12.86 -6.08
C GLY A 85 -6.94 -12.50 -4.75
N PRO A 86 -6.43 -13.13 -3.66
CA PRO A 86 -6.98 -12.92 -2.35
C PRO A 86 -6.97 -11.45 -1.93
N ASN A 87 -8.15 -10.98 -1.57
CA ASN A 87 -8.34 -9.63 -1.05
C ASN A 87 -7.91 -8.50 -2.01
N ILE A 88 -7.83 -8.79 -3.31
CA ILE A 88 -7.57 -7.73 -4.32
C ILE A 88 -8.94 -7.24 -4.84
N VAL A 89 -9.17 -5.92 -4.80
CA VAL A 89 -10.37 -5.35 -5.40
C VAL A 89 -10.61 -5.93 -6.80
N LYS A 90 -11.86 -6.32 -7.10
CA LYS A 90 -12.23 -6.89 -8.41
C LYS A 90 -12.68 -5.84 -9.41
N LEU A 91 -11.87 -5.61 -10.44
CA LEU A 91 -12.32 -4.82 -11.59
C LEU A 91 -13.38 -5.56 -12.42
N LEU A 92 -14.60 -4.99 -12.46
CA LEU A 92 -15.74 -5.62 -13.10
C LEU A 92 -16.00 -5.19 -14.54
N ASP A 93 -15.76 -3.91 -14.81
CA ASP A 93 -16.03 -3.34 -16.14
C ASP A 93 -15.21 -2.06 -16.31
N ILE A 94 -15.10 -1.62 -17.56
CA ILE A 94 -14.37 -0.41 -17.92
C ILE A 94 -15.27 0.31 -18.92
N VAL A 95 -15.67 1.55 -18.63
CA VAL A 95 -16.61 2.28 -19.47
C VAL A 95 -16.19 3.73 -19.64
N ARG A 96 -16.80 4.43 -20.59
CA ARG A 96 -16.48 5.83 -20.79
C ARG A 96 -17.69 6.65 -21.29
N ASP A 97 -17.63 7.95 -21.00
CA ASP A 97 -18.59 8.93 -21.51
C ASP A 97 -18.34 9.12 -23.01
N GLN A 98 -19.38 9.04 -23.83
CA GLN A 98 -19.17 9.10 -25.28
C GLN A 98 -18.67 10.49 -25.74
N HIS A 99 -19.21 11.56 -25.17
CA HIS A 99 -18.80 12.91 -25.58
C HIS A 99 -17.42 13.33 -25.14
N SER A 100 -17.06 13.08 -23.89
CA SER A 100 -15.77 13.56 -23.38
C SER A 100 -14.71 12.45 -23.29
N LYS A 101 -15.13 11.21 -23.50
CA LYS A 101 -14.23 10.04 -23.33
C LYS A 101 -13.65 9.87 -21.94
N THR A 102 -14.22 10.52 -20.93
CA THR A 102 -13.69 10.34 -19.56
C THR A 102 -13.94 8.90 -19.07
N PRO A 103 -12.87 8.15 -18.68
CA PRO A 103 -13.08 6.74 -18.31
C PRO A 103 -13.56 6.53 -16.87
N SER A 104 -14.35 5.48 -16.63
CA SER A 104 -14.67 5.06 -15.27
C SER A 104 -14.35 3.58 -15.13
N LEU A 105 -13.87 3.19 -13.96
CA LEU A 105 -13.57 1.79 -13.70
C LEU A 105 -14.67 1.33 -12.75
N ILE A 106 -15.25 0.18 -13.05
CA ILE A 106 -16.35 -0.35 -12.24
C ILE A 106 -15.78 -1.49 -11.41
N PHE A 107 -16.01 -1.44 -10.11
CA PHE A 107 -15.48 -2.47 -9.21
C PHE A 107 -16.60 -3.10 -8.42
N GLU A 108 -16.32 -4.26 -7.82
CA GLU A 108 -17.17 -4.84 -6.79
C GLU A 108 -17.35 -3.75 -5.73
N TYR A 109 -18.48 -3.79 -5.03
CA TYR A 109 -18.73 -2.84 -3.97
C TYR A 109 -18.28 -3.45 -2.66
N VAL A 110 -17.65 -2.63 -1.83
CA VAL A 110 -17.25 -3.05 -0.48
C VAL A 110 -17.90 -2.09 0.48
N ASN A 111 -18.64 -2.64 1.43
CA ASN A 111 -19.37 -1.81 2.37
C ASN A 111 -18.40 -1.31 3.46
N ASN A 112 -17.56 -0.35 3.10
CA ASN A 112 -16.46 0.16 3.95
C ASN A 112 -16.82 0.99 5.19
N THR A 113 -16.03 0.83 6.26
CA THR A 113 -16.05 1.80 7.35
C THR A 113 -14.74 2.58 7.38
N ASP A 114 -14.79 3.92 7.36
CA ASP A 114 -13.55 4.72 7.32
C ASP A 114 -12.62 4.37 8.48
N PHE A 115 -11.33 4.23 8.17
CA PHE A 115 -10.32 3.91 9.18
C PHE A 115 -10.30 4.83 10.41
N LYS A 116 -10.60 6.12 10.23
CA LYS A 116 -10.56 7.05 11.38
C LYS A 116 -11.66 6.73 12.37
N VAL A 117 -12.73 6.11 11.89
CA VAL A 117 -13.78 5.67 12.80
C VAL A 117 -13.57 4.20 13.23
N LEU A 118 -13.27 3.34 12.28
CA LEU A 118 -13.11 1.90 12.52
C LEU A 118 -11.96 1.50 13.44
N TYR A 119 -10.74 1.95 13.11
CA TYR A 119 -9.54 1.50 13.84
C TYR A 119 -9.60 1.65 15.35
N PRO A 120 -10.09 2.78 15.88
CA PRO A 120 -10.17 2.91 17.34
C PRO A 120 -11.08 1.87 18.06
N THR A 121 -11.95 1.19 17.29
CA THR A 121 -12.87 0.18 17.87
C THR A 121 -12.25 -1.24 17.73
N LEU A 122 -11.18 -1.38 16.99
CA LEU A 122 -10.62 -2.73 16.74
C LEU A 122 -9.92 -3.30 17.96
N THR A 123 -10.33 -4.48 18.41
CA THR A 123 -9.63 -5.19 19.49
C THR A 123 -8.23 -5.63 19.01
N ASP A 124 -7.35 -6.01 19.93
CA ASP A 124 -6.03 -6.54 19.55
C ASP A 124 -6.21 -7.68 18.53
N TYR A 125 -7.15 -8.60 18.76
CA TYR A 125 -7.32 -9.71 17.79
C TYR A 125 -7.69 -9.18 16.39
N ASP A 126 -8.54 -8.16 16.29
CA ASP A 126 -9.00 -7.69 14.97
C ASP A 126 -7.87 -7.09 14.17
N ILE A 127 -6.97 -6.42 14.88
CA ILE A 127 -5.82 -5.80 14.23
C ILE A 127 -5.00 -6.91 13.59
N ARG A 128 -4.75 -7.99 14.35
CA ARG A 128 -3.96 -9.12 13.81
C ARG A 128 -4.66 -9.72 12.58
N TYR A 129 -5.97 -9.92 12.68
CA TYR A 129 -6.78 -10.48 11.61
C TYR A 129 -6.69 -9.61 10.33
N TYR A 130 -7.02 -8.32 10.45
CA TYR A 130 -7.05 -7.46 9.25
C TYR A 130 -5.69 -7.25 8.65
N ILE A 131 -4.68 -7.12 9.51
CA ILE A 131 -3.28 -7.04 8.92
C ILE A 131 -2.87 -8.31 8.19
N TYR A 132 -3.26 -9.45 8.76
CA TYR A 132 -3.05 -10.75 8.07
C TYR A 132 -3.78 -10.75 6.71
N GLU A 133 -5.03 -10.26 6.68
CA GLU A 133 -5.79 -10.22 5.45
C GLU A 133 -5.06 -9.30 4.44
N LEU A 134 -4.59 -8.15 4.90
CA LEU A 134 -3.83 -7.22 4.00
C LEU A 134 -2.53 -7.86 3.52
N LEU A 135 -1.86 -8.63 4.40
CA LEU A 135 -0.65 -9.33 3.92
C LEU A 135 -0.92 -10.31 2.81
N LYS A 136 -2.08 -10.98 2.83
CA LYS A 136 -2.43 -11.94 1.78
C LYS A 136 -2.46 -11.23 0.44
N ALA A 137 -2.99 -10.02 0.43
CA ALA A 137 -3.11 -9.25 -0.80
C ALA A 137 -1.70 -8.88 -1.28
N LEU A 138 -0.84 -8.45 -0.37
CA LEU A 138 0.51 -7.99 -0.75
C LEU A 138 1.36 -9.16 -1.24
N ASP A 139 1.34 -10.28 -0.50
CA ASP A 139 2.09 -11.44 -1.00
C ASP A 139 1.58 -11.84 -2.37
N TYR A 140 0.25 -11.81 -2.56
CA TYR A 140 -0.28 -12.14 -3.87
C TYR A 140 0.24 -11.21 -4.98
N CYS A 141 0.10 -9.88 -4.81
CA CYS A 141 0.50 -8.95 -5.91
C CYS A 141 2.03 -9.04 -6.16
N HIS A 142 2.81 -9.18 -5.08
CA HIS A 142 4.28 -9.36 -5.18
C HIS A 142 4.58 -10.60 -5.99
N SER A 143 3.86 -11.69 -5.69
CA SER A 143 4.06 -12.99 -6.36
C SER A 143 3.68 -12.90 -7.84
N GLN A 144 2.85 -11.89 -8.18
CA GLN A 144 2.44 -11.69 -9.55
C GLN A 144 3.27 -10.59 -10.23
N GLY A 145 4.39 -10.20 -9.60
CA GLY A 145 5.29 -9.19 -10.18
C GLY A 145 4.90 -7.72 -10.04
N ILE A 146 3.99 -7.41 -9.11
CA ILE A 146 3.42 -6.05 -8.97
C ILE A 146 3.68 -5.47 -7.57
N MET A 147 4.16 -4.23 -7.54
CA MET A 147 4.32 -3.43 -6.33
C MET A 147 3.10 -2.51 -6.26
N HIS A 148 2.50 -2.38 -5.09
CA HIS A 148 1.31 -1.52 -4.97
C HIS A 148 1.74 -0.07 -4.97
N ARG A 149 2.74 0.25 -4.13
CA ARG A 149 3.35 1.58 -3.95
C ARG A 149 2.45 2.70 -3.40
N ASP A 150 1.33 2.34 -2.79
CA ASP A 150 0.49 3.30 -2.09
C ASP A 150 -0.31 2.65 -0.96
N VAL A 151 0.35 1.76 -0.22
CA VAL A 151 -0.28 1.15 0.95
C VAL A 151 -0.48 2.20 2.04
N LYS A 152 -1.74 2.30 2.49
CA LYS A 152 -2.10 3.21 3.57
C LYS A 152 -3.55 2.83 3.92
N PRO A 153 -4.04 3.23 5.11
CA PRO A 153 -5.42 2.88 5.49
C PRO A 153 -6.50 3.34 4.53
N HIS A 154 -6.29 4.47 3.85
CA HIS A 154 -7.25 5.02 2.88
C HIS A 154 -7.46 4.09 1.69
N ASN A 155 -6.49 3.20 1.49
CA ASN A 155 -6.55 2.25 0.36
C ASN A 155 -6.84 0.82 0.81
N VAL A 156 -7.34 0.69 2.02
CA VAL A 156 -7.69 -0.64 2.52
C VAL A 156 -9.16 -0.57 2.95
N MET A 157 -10.05 -1.16 2.17
CA MET A 157 -11.50 -1.11 2.42
C MET A 157 -11.85 -2.31 3.29
N ILE A 158 -12.64 -2.07 4.34
CA ILE A 158 -12.97 -3.12 5.27
C ILE A 158 -14.49 -3.12 5.49
N ASP A 159 -15.13 -4.20 5.07
CA ASP A 159 -16.54 -4.45 5.46
C ASP A 159 -16.37 -5.28 6.73
N HIS A 160 -16.46 -4.61 7.87
CA HIS A 160 -16.19 -5.18 9.19
C HIS A 160 -17.17 -6.29 9.57
N GLU A 161 -18.46 -6.09 9.30
CA GLU A 161 -19.47 -7.13 9.50
C GLU A 161 -19.13 -8.48 8.85
N LEU A 162 -18.78 -8.46 7.57
CA LEU A 162 -18.39 -9.67 6.85
C LEU A 162 -16.91 -10.07 7.07
N ARG A 163 -16.18 -9.22 7.79
CA ARG A 163 -14.72 -9.36 8.01
C ARG A 163 -13.98 -9.51 6.70
N LYS A 164 -14.38 -8.68 5.74
CA LYS A 164 -13.87 -8.72 4.38
C LYS A 164 -12.97 -7.50 4.17
N LEU A 165 -11.81 -7.72 3.59
CA LEU A 165 -10.88 -6.63 3.36
C LEU A 165 -10.51 -6.63 1.89
N ARG A 166 -10.37 -5.44 1.28
CA ARG A 166 -9.90 -5.36 -0.08
C ARG A 166 -8.84 -4.26 -0.19
N LEU A 167 -7.73 -4.58 -0.87
CA LEU A 167 -6.71 -3.61 -1.19
C LEU A 167 -7.15 -2.91 -2.49
N ILE A 168 -7.33 -1.59 -2.43
CA ILE A 168 -7.90 -0.79 -3.54
C ILE A 168 -6.88 0.23 -4.07
N ASP A 169 -7.30 0.99 -5.10
CA ASP A 169 -6.50 2.02 -5.78
C ASP A 169 -5.08 1.59 -6.22
N TRP A 170 -5.05 0.86 -7.31
CA TRP A 170 -3.87 0.34 -7.98
C TRP A 170 -3.30 1.35 -8.95
N GLY A 171 -3.71 2.63 -8.82
CA GLY A 171 -3.37 3.71 -9.80
C GLY A 171 -1.90 4.15 -9.72
N LEU A 172 -1.22 3.81 -8.62
CA LEU A 172 0.23 4.08 -8.48
C LEU A 172 1.06 2.79 -8.59
N ALA A 173 0.39 1.66 -8.71
CA ALA A 173 1.09 0.34 -8.77
C ALA A 173 1.95 0.17 -10.06
N GLU A 174 2.97 -0.69 -9.98
CA GLU A 174 3.86 -0.90 -11.13
C GLU A 174 4.37 -2.32 -11.15
N PHE A 175 4.83 -2.73 -12.33
CA PHE A 175 5.47 -4.01 -12.49
C PHE A 175 6.91 -3.91 -12.00
N TYR A 176 7.33 -4.93 -11.24
CA TYR A 176 8.73 -5.00 -10.81
C TYR A 176 9.64 -5.67 -11.87
N HIS A 177 10.71 -4.99 -12.30
CA HIS A 177 11.71 -5.54 -13.22
C HIS A 177 13.09 -5.38 -12.61
N PRO A 178 13.88 -6.48 -12.51
CA PRO A 178 15.21 -6.37 -11.89
C PRO A 178 16.03 -5.25 -12.52
N GLY A 179 16.55 -4.35 -11.68
CA GLY A 179 17.49 -3.31 -12.14
C GLY A 179 16.78 -2.01 -12.53
N LYS A 180 15.44 -2.02 -12.55
CA LYS A 180 14.76 -0.82 -13.08
C LYS A 180 14.77 0.35 -12.07
N GLU A 181 15.00 1.56 -12.56
CA GLU A 181 14.99 2.72 -11.68
C GLU A 181 13.64 3.38 -11.73
N TYR A 182 12.95 3.42 -10.61
CA TYR A 182 11.56 3.85 -10.58
C TYR A 182 11.43 5.27 -10.12
N ASN A 183 10.28 5.87 -10.38
CA ASN A 183 9.99 7.22 -9.92
C ASN A 183 9.84 7.15 -8.42
N VAL A 184 10.42 8.08 -7.66
CA VAL A 184 10.27 7.98 -6.20
C VAL A 184 9.07 8.79 -5.68
N ARG A 185 8.39 9.52 -6.57
CA ARG A 185 7.23 10.30 -6.14
C ARG A 185 5.98 9.42 -6.15
N VAL A 186 5.99 8.41 -5.29
CA VAL A 186 4.90 7.47 -5.11
C VAL A 186 4.60 7.36 -3.62
N ALA A 187 3.52 6.64 -3.29
CA ALA A 187 3.03 6.52 -1.93
C ALA A 187 2.57 7.89 -1.44
N SER A 188 1.95 7.88 -0.29
CA SER A 188 1.58 9.11 0.35
CA SER A 188 1.52 9.07 0.45
C SER A 188 2.68 9.40 1.36
N ARG A 189 2.96 10.70 1.59
CA ARG A 189 4.12 11.09 2.42
C ARG A 189 4.36 10.29 3.71
N TYR A 190 3.30 10.11 4.51
CA TYR A 190 3.50 9.46 5.83
C TYR A 190 3.92 7.99 5.71
N PHE A 191 3.72 7.44 4.50
CA PHE A 191 4.01 6.02 4.26
C PHE A 191 5.17 5.76 3.31
N LYS A 192 5.88 6.81 2.88
CA LYS A 192 7.02 6.66 1.99
C LYS A 192 8.20 6.00 2.72
N GLY A 193 8.74 4.95 2.12
CA GLY A 193 9.94 4.32 2.63
C GLY A 193 11.17 5.22 2.53
N PRO A 194 12.19 4.96 3.38
CA PRO A 194 13.42 5.74 3.30
C PRO A 194 14.02 5.74 1.89
N GLU A 195 13.92 4.63 1.15
CA GLU A 195 14.38 4.61 -0.26
C GLU A 195 13.85 5.80 -1.07
N LEU A 196 12.56 6.07 -0.91
CA LEU A 196 11.93 7.19 -1.60
C LEU A 196 12.50 8.52 -1.13
N LEU A 197 12.85 8.60 0.15
CA LEU A 197 13.18 9.84 0.78
C LEU A 197 14.64 10.22 0.58
N VAL A 198 15.46 9.23 0.23
CA VAL A 198 16.87 9.46 -0.04
C VAL A 198 17.23 9.27 -1.51
N ASP A 199 16.22 9.02 -2.35
CA ASP A 199 16.39 8.88 -3.80
C ASP A 199 17.01 7.59 -4.29
N LEU A 200 16.75 6.50 -3.60
CA LEU A 200 17.16 5.20 -4.11
C LEU A 200 16.05 4.71 -5.04
N GLN A 201 16.31 4.74 -6.35
CA GLN A 201 15.28 4.47 -7.35
C GLN A 201 15.12 2.99 -7.73
N ASP A 202 16.15 2.18 -7.49
CA ASP A 202 16.02 0.76 -7.80
C ASP A 202 15.37 -0.01 -6.64
N TYR A 203 14.18 0.43 -6.25
CA TYR A 203 13.46 -0.26 -5.14
C TYR A 203 12.61 -1.42 -5.62
N ASP A 204 11.92 -2.08 -4.68
CA ASP A 204 11.13 -3.25 -5.06
C ASP A 204 9.92 -3.42 -4.15
N TYR A 205 9.38 -4.63 -4.10
CA TYR A 205 8.18 -4.94 -3.34
C TYR A 205 8.36 -4.54 -1.89
N SER A 206 9.58 -4.61 -1.36
CA SER A 206 9.82 -4.26 0.08
C SER A 206 9.38 -2.82 0.46
N LEU A 207 9.24 -1.91 -0.51
CA LEU A 207 8.65 -0.60 -0.25
C LEU A 207 7.26 -0.75 0.41
N ASP A 208 6.47 -1.70 -0.07
CA ASP A 208 5.13 -1.90 0.50
C ASP A 208 5.15 -2.36 1.96
N MET A 209 6.24 -3.04 2.33
CA MET A 209 6.41 -3.58 3.69
C MET A 209 6.72 -2.45 4.65
N TRP A 210 7.42 -1.43 4.18
CA TRP A 210 7.64 -0.24 4.99
C TRP A 210 6.31 0.43 5.24
N SER A 211 5.51 0.62 4.17
CA SER A 211 4.21 1.31 4.21
C SER A 211 3.31 0.54 5.14
N LEU A 212 3.36 -0.79 5.07
CA LEU A 212 2.51 -1.62 5.95
C LEU A 212 2.98 -1.41 7.40
N GLY A 213 4.31 -1.38 7.63
CA GLY A 213 4.92 -1.12 8.92
C GLY A 213 4.41 0.21 9.53
N CYS A 214 4.26 1.25 8.70
CA CYS A 214 3.80 2.57 9.17
C CYS A 214 2.34 2.48 9.60
N MET A 215 1.54 1.81 8.78
CA MET A 215 0.10 1.61 9.07
C MET A 215 -0.05 0.83 10.37
N PHE A 216 0.72 -0.24 10.48
CA PHE A 216 0.70 -1.09 11.67
C PHE A 216 1.12 -0.32 12.93
N ALA A 217 2.22 0.44 12.90
CA ALA A 217 2.61 1.27 14.05
C ALA A 217 1.50 2.23 14.44
N GLY A 218 0.86 2.84 13.43
CA GLY A 218 -0.25 3.78 13.67
C GLY A 218 -1.40 3.09 14.41
N MET A 219 -1.65 1.84 14.07
CA MET A 219 -2.73 1.06 14.72
C MET A 219 -2.41 0.65 16.16
N ILE A 220 -1.27 -0.04 16.36
CA ILE A 220 -0.89 -0.49 17.72
C ILE A 220 -0.57 0.64 18.70
N PHE A 221 0.05 1.73 18.24
CA PHE A 221 0.34 2.89 19.12
C PHE A 221 -0.76 3.95 19.16
N ARG A 222 -1.77 3.81 18.30
CA ARG A 222 -2.86 4.78 18.21
C ARG A 222 -2.29 6.17 18.01
N LYS A 223 -1.42 6.26 17.01
CA LYS A 223 -0.76 7.50 16.63
C LYS A 223 -0.80 7.53 15.12
N GLU A 224 -1.77 8.25 14.57
CA GLU A 224 -2.04 8.22 13.13
C GLU A 224 -1.93 9.65 12.55
N PRO A 225 -1.00 9.88 11.60
CA PRO A 225 0.04 8.97 11.07
C PRO A 225 1.18 8.82 12.07
N PHE A 226 1.86 7.67 12.05
CA PHE A 226 2.92 7.41 12.99
C PHE A 226 4.12 8.34 12.77
N PHE A 227 4.53 8.48 11.51
CA PHE A 227 5.64 9.39 11.15
C PHE A 227 5.02 10.60 10.44
N TYR A 228 4.90 11.73 11.16
CA TYR A 228 4.11 12.88 10.68
C TYR A 228 4.98 14.04 10.18
N GLY A 229 5.54 13.87 8.99
CA GLY A 229 6.36 14.91 8.37
C GLY A 229 5.46 15.85 7.58
N HIS A 230 5.78 17.15 7.62
CA HIS A 230 5.06 18.14 6.83
C HIS A 230 5.46 18.18 5.37
N ASP A 231 6.68 17.76 5.06
CA ASP A 231 7.13 17.63 3.68
C ASP A 231 8.12 16.47 3.64
N ASN A 232 8.65 16.16 2.46
CA ASN A 232 9.46 14.95 2.27
C ASN A 232 10.78 14.99 3.03
N HIS A 233 11.38 16.18 3.12
CA HIS A 233 12.55 16.35 3.97
C HIS A 233 12.23 16.08 5.43
N ASP A 234 11.19 16.75 5.94
CA ASP A 234 10.68 16.52 7.30
C ASP A 234 10.31 15.06 7.60
N GLN A 235 9.77 14.35 6.61
CA GLN A 235 9.42 12.95 6.76
C GLN A 235 10.63 12.11 7.13
N LEU A 236 11.77 12.36 6.48
CA LEU A 236 12.97 11.60 6.78
C LEU A 236 13.51 11.95 8.17
N VAL A 237 13.41 13.22 8.54
CA VAL A 237 13.80 13.67 9.88
C VAL A 237 12.95 12.92 10.92
N LYS A 238 11.64 12.90 10.70
CA LYS A 238 10.72 12.18 11.62
C LYS A 238 11.04 10.70 11.79
N ILE A 239 11.39 10.02 10.69
CA ILE A 239 11.87 8.64 10.75
C ILE A 239 13.18 8.57 11.56
N ALA A 240 14.15 9.40 11.20
CA ALA A 240 15.48 9.35 11.83
C ALA A 240 15.44 9.58 13.35
N LYS A 241 14.52 10.45 13.79
CA LYS A 241 14.28 10.70 15.22
C LYS A 241 13.70 9.49 15.96
N VAL A 242 13.23 8.47 15.23
CA VAL A 242 12.78 7.23 15.87
C VAL A 242 13.83 6.12 15.67
N LEU A 243 14.17 5.79 14.42
CA LEU A 243 15.13 4.70 14.15
C LEU A 243 16.59 5.01 14.51
N GLY A 244 16.92 6.29 14.67
CA GLY A 244 18.29 6.74 14.96
C GLY A 244 19.07 6.95 13.67
N THR A 245 20.06 7.83 13.72
CA THR A 245 20.87 8.17 12.54
C THR A 245 22.01 7.20 12.25
N ASP A 246 22.53 6.52 13.28
CA ASP A 246 23.60 5.51 13.08
C ASP A 246 23.13 4.50 12.01
N GLY A 247 21.91 3.99 12.16
CA GLY A 247 21.29 3.08 11.19
C GLY A 247 21.14 3.69 9.81
N LEU A 248 20.73 4.96 9.77
CA LEU A 248 20.63 5.67 8.50
C LEU A 248 22.01 5.74 7.83
N ASN A 249 23.02 6.07 8.61
CA ASN A 249 24.37 6.17 8.07
C ASN A 249 24.86 4.84 7.47
N VAL A 250 24.60 3.71 8.15
CA VAL A 250 25.03 2.41 7.58
C VAL A 250 24.33 2.15 6.25
N TYR A 251 23.03 2.43 6.22
CA TYR A 251 22.18 2.30 5.07
C TYR A 251 22.70 3.12 3.88
N LEU A 252 22.84 4.42 4.08
CA LEU A 252 23.37 5.31 3.06
C LEU A 252 24.70 4.80 2.51
N ASN A 253 25.60 4.39 3.42
CA ASN A 253 26.90 3.87 3.02
C ASN A 253 26.81 2.62 2.16
N LYS A 254 25.92 1.69 2.56
CA LYS A 254 25.73 0.42 1.85
C LYS A 254 25.35 0.61 0.39
N TYR A 255 24.42 1.52 0.13
CA TYR A 255 23.91 1.75 -1.22
C TYR A 255 24.57 2.94 -1.97
N ARG A 256 25.70 3.42 -1.43
CA ARG A 256 26.46 4.56 -1.98
C ARG A 256 25.55 5.77 -2.27
N ILE A 257 24.87 6.27 -1.24
CA ILE A 257 23.98 7.43 -1.36
C ILE A 257 24.44 8.52 -0.40
N GLU A 258 24.58 9.76 -0.89
CA GLU A 258 24.70 10.88 0.05
C GLU A 258 23.50 11.80 -0.05
N LEU A 259 23.12 12.35 1.10
CA LEU A 259 21.99 13.25 1.20
C LEU A 259 22.35 14.61 0.65
N ASP A 260 21.33 15.36 0.24
CA ASP A 260 21.52 16.78 -0.05
C ASP A 260 21.96 17.46 1.23
N PRO A 261 22.94 18.38 1.13
CA PRO A 261 23.46 19.08 2.30
C PRO A 261 22.38 19.65 3.22
N GLN A 262 21.35 20.24 2.62
CA GLN A 262 20.20 20.77 3.36
C GLN A 262 19.48 19.66 4.12
N LEU A 263 19.31 18.51 3.45
CA LEU A 263 18.65 17.34 4.04
C LEU A 263 19.48 16.76 5.19
N GLU A 264 20.77 16.55 4.93
CA GLU A 264 21.71 16.08 5.96
C GLU A 264 21.67 16.96 7.19
N ALA A 265 21.76 18.27 6.98
CA ALA A 265 21.68 19.24 8.07
C ALA A 265 20.38 19.13 8.87
N LEU A 266 19.25 18.95 8.19
CA LEU A 266 17.94 18.83 8.87
C LEU A 266 17.79 17.55 9.70
N VAL A 267 18.37 16.46 9.20
CA VAL A 267 18.30 15.16 9.87
C VAL A 267 19.15 15.20 11.17
N GLY A 268 20.33 15.80 11.09
CA GLY A 268 21.22 15.92 12.25
C GLY A 268 21.67 14.57 12.76
N ARG A 269 21.70 14.42 14.09
CA ARG A 269 22.13 13.18 14.75
C ARG A 269 21.12 12.85 15.83
N HIS A 270 20.70 11.58 15.89
CA HIS A 270 19.65 11.12 16.82
C HIS A 270 19.87 9.71 17.28
N SER A 271 19.71 9.48 18.58
CA SER A 271 19.80 8.14 19.14
C SER A 271 18.51 7.38 18.79
N ARG A 272 18.60 6.06 18.71
CA ARG A 272 17.40 5.25 18.44
C ARG A 272 16.48 5.35 19.66
N LYS A 273 15.18 5.46 19.40
CA LYS A 273 14.14 5.44 20.41
C LYS A 273 13.48 4.06 20.42
N PRO A 274 13.67 3.28 21.50
CA PRO A 274 13.10 1.93 21.58
C PRO A 274 11.57 1.98 21.51
N TRP A 275 10.96 0.93 20.95
CA TRP A 275 9.54 0.91 20.61
C TRP A 275 8.62 1.10 21.78
N LEU A 276 9.02 0.59 22.94
CA LEU A 276 8.23 0.71 24.16
C LEU A 276 8.01 2.15 24.62
N LYS A 277 8.86 3.07 24.16
CA LYS A 277 8.71 4.48 24.52
C LYS A 277 7.44 5.10 23.94
N PHE A 278 6.79 4.41 23.01
CA PHE A 278 5.51 4.87 22.44
C PHE A 278 4.28 4.29 23.12
N MET A 279 4.49 3.38 24.09
CA MET A 279 3.36 2.86 24.89
C MET A 279 2.85 3.94 25.85
N ASN A 280 1.53 3.97 26.02
CA ASN A 280 0.82 4.87 26.92
C ASN A 280 -0.46 4.18 27.38
N ALA A 281 -1.28 4.85 28.19
CA ALA A 281 -2.52 4.25 28.71
C ALA A 281 -3.57 3.91 27.61
N ASP A 282 -3.59 4.70 26.54
CA ASP A 282 -4.54 4.50 25.44
C ASP A 282 -4.22 3.22 24.65
N ASN A 283 -2.93 2.96 24.42
CA ASN A 283 -2.50 1.90 23.49
C ASN A 283 -1.98 0.63 24.16
N GLN A 284 -1.95 0.64 25.49
CA GLN A 284 -1.41 -0.47 26.26
C GLN A 284 -1.95 -1.87 25.89
N HIS A 285 -3.27 -2.02 25.82
CA HIS A 285 -3.90 -3.31 25.47
C HIS A 285 -3.57 -3.81 24.08
N LEU A 286 -2.98 -2.96 23.26
CA LEU A 286 -2.61 -3.36 21.90
C LEU A 286 -1.13 -3.65 21.73
N VAL A 287 -0.30 -3.22 22.67
CA VAL A 287 1.15 -3.34 22.44
C VAL A 287 1.68 -4.55 23.22
N SER A 288 2.15 -5.55 22.49
CA SER A 288 2.76 -6.74 23.13
C SER A 288 4.16 -6.98 22.57
N PRO A 289 5.00 -7.78 23.28
CA PRO A 289 6.28 -8.16 22.63
C PRO A 289 6.18 -8.71 21.21
N GLU A 290 5.16 -9.50 20.86
CA GLU A 290 5.09 -10.02 19.49
C GLU A 290 4.74 -8.92 18.49
N ALA A 291 3.91 -7.99 18.92
CA ALA A 291 3.57 -6.85 18.04
C ALA A 291 4.81 -6.04 17.77
N ILE A 292 5.58 -5.77 18.84
CA ILE A 292 6.79 -4.98 18.75
C ILE A 292 7.83 -5.70 17.90
N ASP A 293 7.96 -7.01 18.11
CA ASP A 293 8.94 -7.78 17.35
C ASP A 293 8.59 -7.76 15.86
N PHE A 294 7.31 -7.90 15.55
CA PHE A 294 6.87 -7.87 14.15
C PHE A 294 7.10 -6.46 13.54
N LEU A 295 6.71 -5.43 14.30
CA LEU A 295 6.91 -4.04 13.83
C LEU A 295 8.37 -3.75 13.53
N ASP A 296 9.23 -4.15 14.45
CA ASP A 296 10.65 -3.91 14.32
C ASP A 296 11.22 -4.53 13.06
N LYS A 297 10.62 -5.64 12.66
CA LYS A 297 11.11 -6.39 11.51
C LYS A 297 10.60 -5.81 10.18
N LEU A 298 9.60 -4.93 10.25
CA LEU A 298 9.10 -4.18 9.08
C LEU A 298 9.81 -2.82 8.93
N LEU A 299 9.93 -2.06 10.03
CA LEU A 299 10.52 -0.73 9.97
C LEU A 299 12.05 -0.72 10.09
N ARG A 300 12.69 -1.14 9.01
CA ARG A 300 14.15 -1.14 8.84
C ARG A 300 14.47 -0.21 7.68
N TYR A 301 15.50 0.63 7.83
CA TYR A 301 15.92 1.50 6.75
C TYR A 301 16.23 0.70 5.50
N ASP A 302 17.03 -0.35 5.68
CA ASP A 302 17.46 -1.15 4.57
C ASP A 302 16.26 -1.99 4.13
N HIS A 303 15.78 -1.70 2.91
CA HIS A 303 14.64 -2.39 2.33
C HIS A 303 14.90 -3.88 2.17
N GLN A 304 16.18 -4.24 2.02
CA GLN A 304 16.58 -5.66 1.86
C GLN A 304 16.44 -6.46 3.19
N GLU A 305 16.42 -5.75 4.31
CA GLU A 305 16.35 -6.40 5.61
C GLU A 305 14.95 -6.64 6.08
N ARG A 306 13.97 -5.90 5.51
CA ARG A 306 12.55 -6.01 5.89
C ARG A 306 12.01 -7.40 5.61
N LEU A 307 11.11 -7.87 6.47
CA LEU A 307 10.38 -9.08 6.11
C LEU A 307 9.70 -8.96 4.76
N THR A 308 9.67 -10.07 4.04
CA THR A 308 8.79 -10.20 2.87
C THR A 308 7.38 -10.39 3.37
N ALA A 309 6.40 -10.18 2.50
CA ALA A 309 5.00 -10.40 2.91
C ALA A 309 4.80 -11.84 3.33
N LEU A 310 5.40 -12.78 2.59
CA LEU A 310 5.23 -14.20 2.97
C LEU A 310 5.80 -14.51 4.36
N GLU A 311 7.02 -14.03 4.65
CA GLU A 311 7.58 -14.18 6.04
C GLU A 311 6.74 -13.52 7.08
N ALA A 312 6.23 -12.31 6.78
CA ALA A 312 5.40 -11.58 7.71
C ALA A 312 4.20 -12.44 8.17
N MET A 313 3.58 -13.14 7.23
CA MET A 313 2.33 -13.89 7.52
C MET A 313 2.64 -15.05 8.46
N THR A 314 3.90 -15.52 8.46
CA THR A 314 4.30 -16.63 9.33
C THR A 314 4.77 -16.20 10.74
N HIS A 315 4.90 -14.88 10.97
CA HIS A 315 5.41 -14.40 12.27
C HIS A 315 4.46 -14.90 13.34
N PRO A 316 4.99 -15.25 14.55
CA PRO A 316 4.15 -15.74 15.62
C PRO A 316 3.05 -14.75 16.08
N TYR A 317 3.24 -13.47 15.84
CA TYR A 317 2.18 -12.49 16.03
C TYR A 317 0.80 -12.96 15.49
N PHE A 318 0.79 -13.60 14.33
CA PHE A 318 -0.45 -14.06 13.69
C PHE A 318 -0.87 -15.49 14.03
N GLN A 319 -0.22 -16.11 15.01
CA GLN A 319 -0.41 -17.55 15.15
C GLN A 319 -1.88 -17.90 15.43
N GLN A 320 -2.60 -17.02 16.13
CA GLN A 320 -4.06 -17.25 16.44
C GLN A 320 -4.95 -17.13 15.16
N VAL A 321 -4.64 -16.13 14.34
CA VAL A 321 -5.31 -15.95 13.07
C VAL A 321 -5.10 -17.17 12.14
N ARG A 322 -3.85 -17.63 12.03
CA ARG A 322 -3.57 -18.86 11.25
C ARG A 322 -4.32 -20.06 11.82
N ALA A 323 -4.35 -20.20 13.16
CA ALA A 323 -5.04 -21.35 13.77
C ALA A 323 -6.55 -21.34 13.49
N ALA A 324 -7.18 -20.15 13.54
CA ALA A 324 -8.58 -20.00 13.17
C ALA A 324 -8.83 -20.44 11.74
N GLU A 325 -7.95 -20.02 10.84
CA GLU A 325 -7.99 -20.48 9.46
C GLU A 325 -7.77 -21.97 9.25
N ASN A 326 -6.85 -22.57 10.02
CA ASN A 326 -6.58 -24.02 9.97
C ASN A 326 -7.53 -24.82 10.88
#